data_1PUF
#
_entry.id   1PUF
#
_cell.length_a   60.769
_cell.length_b   114.853
_cell.length_c   108.170
_cell.angle_alpha   90.00
_cell.angle_beta   90.00
_cell.angle_gamma   90.00
#
_symmetry.space_group_name_H-M   'C 2 2 21'
#
loop_
_entity.id
_entity.type
_entity.pdbx_description
1 polymer "5'-D(*AP*CP*TP*CP*TP*AP*TP*GP*AP*TP*TP*TP*AP*CP*GP*AP*CP*GP*CP*T)-3'"
2 polymer "5'-D(*TP*AP*GP*CP*GP*TP*CP*GP*TP*AP*AP*AP*TP*CP*AP*TP*AP*GP*AP*G)-3'"
3 polymer 'Homeobox protein Hox-A9'
4 polymer 'Pre-B-cell leukemia transcription factor-1'
5 water water
#
loop_
_entity_poly.entity_id
_entity_poly.type
_entity_poly.pdbx_seq_one_letter_code
_entity_poly.pdbx_strand_id
1 'polydeoxyribonucleotide' (DA)(DC)(DT)(DC)(DT)(DA)(DT)(DG)(DA)(DT)(DT)(DT)(DA)(DC)(DG)(DA)(DC)(DG)(DC)(DT) D
2 'polydeoxyribonucleotide' (DT)(DA)(DG)(DC)(DG)(DT)(DC)(DG)(DT)(DA)(DA)(DA)(DT)(DC)(DA)(DT)(DA)(DG)(DA)(DG) E
3 'polypeptide(L)' NNPAANWLHARSTRKKRCPYTKHQTLELEKEFLFNMYLTRDRRYEVARLLNLTERQVKIWFQNRRMKMKKINKDRAK A
4 'polypeptide(L)' ARRKRRNFNKQATEILNEYFYSHLSNPYPSEEAKEELAKKCGITVSQVSNWFGNKRIRYKKNIGKFQEEANIY B
#
loop_
_chem_comp.id
_chem_comp.type
_chem_comp.name
_chem_comp.formula
DA DNA linking 2'-DEOXYADENOSINE-5'-MONOPHOSPHATE 'C10 H14 N5 O6 P'
DC DNA linking 2'-DEOXYCYTIDINE-5'-MONOPHOSPHATE 'C9 H14 N3 O7 P'
DG DNA linking 2'-DEOXYGUANOSINE-5'-MONOPHOSPHATE 'C10 H14 N5 O7 P'
DT DNA linking THYMIDINE-5'-MONOPHOSPHATE 'C10 H15 N2 O8 P'
#
# COMPACT_ATOMS: atom_id res chain seq x y z
N ASN C 1 12.82 -9.43 -22.45
CA ASN C 1 13.16 -10.20 -21.22
C ASN C 1 11.95 -10.34 -20.30
N ASN C 2 11.25 -9.23 -20.06
CA ASN C 2 10.05 -9.21 -19.22
C ASN C 2 10.33 -9.77 -17.82
N PRO C 3 11.17 -9.06 -17.03
CA PRO C 3 11.52 -9.48 -15.67
C PRO C 3 10.37 -9.37 -14.68
N ALA C 4 9.34 -8.60 -15.04
CA ALA C 4 8.17 -8.43 -14.18
C ALA C 4 7.17 -9.57 -14.36
N ALA C 5 7.49 -10.50 -15.27
CA ALA C 5 6.64 -11.64 -15.60
C ALA C 5 6.06 -12.42 -14.42
N ASN C 6 6.91 -12.82 -13.48
CA ASN C 6 6.45 -13.58 -12.33
C ASN C 6 5.94 -12.77 -11.14
N TRP C 7 5.87 -11.45 -11.29
CA TRP C 7 5.40 -10.60 -10.20
C TRP C 7 3.88 -10.65 -10.08
N LEU C 8 3.34 -10.12 -8.98
CA LEU C 8 1.89 -10.13 -8.82
C LEU C 8 1.30 -9.13 -9.78
N HIS C 9 0.28 -9.52 -10.52
CA HIS C 9 -0.36 -8.61 -11.45
C HIS C 9 -1.84 -8.51 -11.16
N ALA C 10 -2.40 -7.34 -11.42
CA ALA C 10 -3.82 -7.13 -11.21
C ALA C 10 -4.52 -7.87 -12.33
N ARG C 11 -5.60 -8.56 -11.98
CA ARG C 11 -6.36 -9.30 -12.98
C ARG C 11 -6.97 -8.25 -13.91
N SER C 12 -6.74 -8.43 -15.20
CA SER C 12 -7.25 -7.51 -16.22
C SER C 12 -8.75 -7.23 -16.13
N THR C 13 -9.43 -7.86 -15.19
CA THR C 13 -10.86 -7.68 -15.03
C THR C 13 -11.23 -7.04 -13.70
N ARG C 14 -10.25 -6.36 -13.08
CA ARG C 14 -10.48 -5.70 -11.79
C ARG C 14 -11.14 -4.34 -12.01
N LYS C 15 -12.10 -3.98 -11.16
CA LYS C 15 -12.77 -2.69 -11.31
C LYS C 15 -11.70 -1.61 -11.17
N LYS C 16 -11.75 -0.59 -12.01
CA LYS C 16 -10.77 0.49 -11.90
C LYS C 16 -11.12 1.36 -10.69
N ARG C 17 -10.10 1.70 -9.93
CA ARG C 17 -10.19 2.49 -8.71
C ARG C 17 -10.99 3.79 -8.85
N CYS C 18 -11.93 3.99 -7.93
CA CYS C 18 -12.76 5.21 -7.90
C CYS C 18 -12.65 5.87 -6.53
N PRO C 19 -11.89 6.96 -6.39
CA PRO C 19 -11.79 7.62 -5.08
C PRO C 19 -13.19 8.02 -4.63
N TYR C 20 -13.49 7.89 -3.34
CA TYR C 20 -14.81 8.27 -2.90
C TYR C 20 -14.75 9.76 -2.55
N THR C 21 -15.91 10.38 -2.44
CA THR C 21 -15.99 11.80 -2.13
C THR C 21 -15.85 12.09 -0.66
N LYS C 22 -15.56 13.35 -0.33
CA LYS C 22 -15.42 13.76 1.04
C LYS C 22 -16.65 13.30 1.77
N HIS C 23 -17.82 13.47 1.14
CA HIS C 23 -19.08 13.08 1.76
C HIS C 23 -19.22 11.58 2.01
N GLN C 24 -18.86 10.76 1.02
CA GLN C 24 -18.98 9.34 1.22
C GLN C 24 -18.02 8.97 2.35
N THR C 25 -16.80 9.47 2.29
CA THR C 25 -15.78 9.16 3.32
C THR C 25 -16.25 9.57 4.73
N LEU C 26 -16.76 10.78 4.88
CA LEU C 26 -17.21 11.24 6.19
C LEU C 26 -18.37 10.41 6.73
N GLU C 27 -19.30 10.02 5.85
CA GLU C 27 -20.42 9.21 6.27
C GLU C 27 -19.97 7.77 6.64
N LEU C 28 -19.03 7.23 5.89
CA LEU C 28 -18.55 5.90 6.20
C LEU C 28 -17.79 5.98 7.55
N GLU C 29 -16.98 6.99 7.73
CA GLU C 29 -16.28 7.11 9.00
C GLU C 29 -17.29 7.13 10.18
N LYS C 30 -18.39 7.88 10.05
CA LYS C 30 -19.38 7.89 11.13
C LYS C 30 -20.05 6.54 11.34
N GLU C 31 -20.20 5.74 10.28
CA GLU C 31 -20.83 4.45 10.45
C GLU C 31 -19.85 3.53 11.17
N PHE C 32 -18.56 3.77 10.92
CA PHE C 32 -17.48 2.99 11.48
C PHE C 32 -17.49 3.13 13.00
N LEU C 33 -17.51 4.37 13.49
CA LEU C 33 -17.54 4.66 14.94
C LEU C 33 -18.80 4.17 15.65
N PHE C 34 -19.90 4.06 14.91
CA PHE C 34 -21.11 3.54 15.51
C PHE C 34 -20.94 2.05 15.79
N ASN C 35 -20.36 1.30 14.84
CA ASN C 35 -20.12 -0.15 15.00
C ASN C 35 -19.02 -0.55 14.02
N MET C 36 -17.83 -0.88 14.53
CA MET C 36 -16.70 -1.20 13.66
C MET C 36 -16.85 -2.41 12.77
N TYR C 37 -17.91 -3.16 13.00
CA TYR C 37 -18.25 -4.33 12.21
C TYR C 37 -19.71 -4.15 11.76
N LEU C 38 -19.92 -4.27 10.45
CA LEU C 38 -21.24 -4.11 9.84
C LEU C 38 -22.13 -5.33 9.98
N THR C 39 -23.43 -5.06 10.03
CA THR C 39 -24.44 -6.11 10.07
C THR C 39 -24.91 -6.08 8.63
N ARG C 40 -25.54 -7.16 8.16
CA ARG C 40 -26.01 -7.23 6.78
C ARG C 40 -26.93 -6.04 6.45
N ASP C 41 -27.74 -5.64 7.41
CA ASP C 41 -28.69 -4.53 7.21
C ASP C 41 -28.09 -3.14 7.23
N ARG C 42 -27.19 -2.89 8.18
CA ARG C 42 -26.53 -1.59 8.29
C ARG C 42 -25.74 -1.31 7.04
N ARG C 43 -25.09 -2.36 6.52
CA ARG C 43 -24.29 -2.28 5.30
C ARG C 43 -25.19 -1.94 4.13
N TYR C 44 -26.33 -2.59 4.10
CA TYR C 44 -27.35 -2.39 3.07
C TYR C 44 -27.83 -0.96 3.05
N GLU C 45 -28.09 -0.38 4.22
CA GLU C 45 -28.58 0.99 4.32
C GLU C 45 -27.53 2.06 3.97
N VAL C 46 -26.30 1.84 4.43
CA VAL C 46 -25.21 2.74 4.16
C VAL C 46 -24.92 2.71 2.65
N ALA C 47 -24.93 1.51 2.08
CA ALA C 47 -24.68 1.35 0.65
C ALA C 47 -25.67 2.21 -0.17
N ARG C 48 -26.96 2.02 0.08
CA ARG C 48 -28.05 2.73 -0.61
C ARG C 48 -27.90 4.25 -0.46
N LEU C 49 -27.79 4.66 0.79
CA LEU C 49 -27.62 6.06 1.14
C LEU C 49 -26.48 6.76 0.39
N LEU C 50 -25.37 6.05 0.16
CA LEU C 50 -24.23 6.64 -0.51
C LEU C 50 -24.04 6.22 -1.98
N ASN C 51 -24.90 5.36 -2.49
CA ASN C 51 -24.80 4.92 -3.89
C ASN C 51 -23.46 4.18 -4.12
N LEU C 52 -23.17 3.26 -3.21
CA LEU C 52 -21.97 2.42 -3.29
C LEU C 52 -22.57 1.06 -3.19
N THR C 53 -21.87 0.06 -3.69
CA THR C 53 -22.37 -1.29 -3.62
C THR C 53 -22.12 -1.80 -2.19
N GLU C 54 -22.87 -2.83 -1.80
CA GLU C 54 -22.67 -3.44 -0.51
C GLU C 54 -21.23 -4.02 -0.46
N ARG C 55 -20.72 -4.49 -1.59
N ARG C 55 -20.73 -4.50 -1.59
CA ARG C 55 -19.37 -5.03 -1.63
CA ARG C 55 -19.37 -5.05 -1.63
C ARG C 55 -18.38 -3.92 -1.28
C ARG C 55 -18.35 -3.95 -1.33
N GLN C 56 -18.53 -2.77 -1.93
CA GLN C 56 -17.64 -1.65 -1.67
C GLN C 56 -17.70 -1.24 -0.21
N VAL C 57 -18.89 -1.30 0.40
CA VAL C 57 -19.02 -0.89 1.80
C VAL C 57 -18.34 -1.92 2.70
N LYS C 58 -18.55 -3.21 2.43
CA LYS C 58 -17.91 -4.31 3.21
C LYS C 58 -16.39 -4.16 3.17
N ILE C 59 -15.87 -3.90 1.98
N ILE C 59 -15.87 -3.90 1.98
CA ILE C 59 -14.44 -3.74 1.77
CA ILE C 59 -14.43 -3.75 1.75
C ILE C 59 -13.87 -2.46 2.38
C ILE C 59 -13.88 -2.46 2.39
N TRP C 60 -14.65 -1.39 2.33
CA TRP C 60 -14.19 -0.15 2.93
C TRP C 60 -13.99 -0.39 4.43
N PHE C 61 -14.95 -1.08 5.05
CA PHE C 61 -14.84 -1.33 6.48
C PHE C 61 -13.64 -2.23 6.78
N GLN C 62 -13.40 -3.20 5.93
CA GLN C 62 -12.24 -4.12 6.09
C GLN C 62 -10.94 -3.33 5.96
N ASN C 63 -10.86 -2.46 4.96
CA ASN C 63 -9.67 -1.62 4.77
C ASN C 63 -9.51 -0.64 5.97
N ARG C 64 -10.63 -0.12 6.47
CA ARG C 64 -10.58 0.84 7.60
C ARG C 64 -10.02 0.18 8.86
N ARG C 65 -10.33 -1.09 9.06
CA ARG C 65 -9.79 -1.79 10.21
C ARG C 65 -8.28 -2.05 10.01
N MET C 66 -7.83 -2.22 8.77
CA MET C 66 -6.40 -2.41 8.51
C MET C 66 -5.65 -1.08 8.71
N LYS C 67 -6.31 0.04 8.43
CA LYS C 67 -5.69 1.36 8.62
C LYS C 67 -5.54 1.58 10.13
N MET C 68 -6.54 1.20 10.90
CA MET C 68 -6.49 1.36 12.36
C MET C 68 -5.28 0.54 12.89
N LYS C 69 -5.09 -0.66 12.36
CA LYS C 69 -3.94 -1.51 12.73
C LYS C 69 -2.66 -0.78 12.34
N LYS C 70 -2.62 -0.24 11.12
CA LYS C 70 -1.42 0.46 10.68
C LYS C 70 -1.04 1.64 11.60
N ILE C 71 -2.03 2.42 12.00
CA ILE C 71 -1.82 3.58 12.87
C ILE C 71 -1.36 3.13 14.26
N ASN C 72 -1.99 2.10 14.83
CA ASN C 72 -1.61 1.63 16.14
C ASN C 72 -0.18 1.00 16.19
N LYS C 73 0.27 0.44 15.08
CA LYS C 73 1.60 -0.14 15.02
C LYS C 73 2.58 1.04 14.95
N ASP C 74 2.15 2.11 14.31
CA ASP C 74 2.99 3.29 14.15
C ASP C 74 3.21 3.99 15.47
N ARG C 75 2.32 3.73 16.44
CA ARG C 75 2.40 4.38 17.74
C ARG C 75 3.09 3.57 18.83
N ALA C 76 2.75 2.30 18.95
CA ALA C 76 3.32 1.45 19.99
C ALA C 76 4.70 0.92 19.65
N LYS C 77 5.66 1.82 19.50
CA LYS C 77 7.03 1.42 19.16
C LYS C 77 7.64 0.47 20.23
N ALA D 1 5.76 19.73 16.67
CA ALA D 1 5.32 19.99 15.28
C ALA D 1 5.13 18.64 14.53
N ARG D 2 4.25 18.62 13.55
CA ARG D 2 4.00 17.38 12.81
C ARG D 2 5.24 16.92 12.00
N ARG D 3 5.50 15.62 11.93
CA ARG D 3 6.64 15.12 11.14
C ARG D 3 6.34 15.32 9.66
N LYS D 4 7.33 15.79 8.91
CA LYS D 4 7.18 16.01 7.48
C LYS D 4 7.71 14.83 6.66
N ARG D 5 7.08 14.60 5.51
CA ARG D 5 7.57 13.54 4.65
C ARG D 5 8.93 13.99 4.13
N ARG D 6 9.84 13.07 3.86
CA ARG D 6 11.13 13.45 3.30
C ARG D 6 11.61 12.36 2.37
N ASN D 7 12.37 12.77 1.36
CA ASN D 7 12.95 11.84 0.40
C ASN D 7 14.03 11.11 1.18
N PHE D 8 14.20 9.82 0.94
CA PHE D 8 15.24 9.08 1.67
C PHE D 8 16.66 9.50 1.20
N ASN D 9 17.61 9.51 2.14
N ASN D 9 17.61 9.49 2.13
CA ASN D 9 18.98 9.87 1.82
CA ASN D 9 19.00 9.84 1.82
C ASN D 9 19.56 8.87 0.82
C ASN D 9 19.54 8.87 0.79
N LYS D 10 20.66 9.25 0.18
CA LYS D 10 21.33 8.42 -0.82
C LYS D 10 21.71 7.03 -0.27
N GLN D 11 22.04 6.98 1.02
CA GLN D 11 22.43 5.72 1.64
C GLN D 11 21.29 4.70 1.64
N ALA D 12 20.13 5.13 2.15
CA ALA D 12 18.98 4.26 2.24
C ALA D 12 18.53 3.79 0.87
N THR D 13 18.49 4.71 -0.09
CA THR D 13 18.08 4.39 -1.44
C THR D 13 19.00 3.38 -2.08
N GLU D 14 20.31 3.48 -1.82
CA GLU D 14 21.27 2.54 -2.39
C GLU D 14 21.01 1.12 -1.84
N ILE D 15 20.74 1.03 -0.54
CA ILE D 15 20.49 -0.26 0.11
C ILE D 15 19.20 -0.88 -0.49
N LEU D 16 18.15 -0.08 -0.60
CA LEU D 16 16.88 -0.57 -1.12
C LEU D 16 17.01 -0.98 -2.58
N ASN D 17 17.66 -0.16 -3.39
CA ASN D 17 17.85 -0.49 -4.79
C ASN D 17 18.72 -1.76 -4.91
N GLU D 18 19.74 -1.89 -4.06
CA GLU D 18 20.60 -3.06 -4.10
C GLU D 18 19.77 -4.33 -3.95
N TYR D 19 18.93 -4.37 -2.92
CA TYR D 19 18.08 -5.51 -2.65
C TYR D 19 17.10 -5.72 -3.80
N PHE D 20 16.40 -4.66 -4.17
CA PHE D 20 15.43 -4.75 -5.26
C PHE D 20 16.04 -5.40 -6.50
N TYR D 21 17.12 -4.83 -7.00
CA TYR D 21 17.73 -5.39 -8.20
C TYR D 21 18.33 -6.79 -8.05
N SER D 22 18.85 -7.13 -6.86
CA SER D 22 19.40 -8.48 -6.69
C SER D 22 18.28 -9.51 -6.59
N HIS D 23 17.04 -9.06 -6.38
CA HIS D 23 15.90 -9.98 -6.32
C HIS D 23 14.90 -9.60 -7.42
N LEU D 24 15.40 -9.05 -8.52
CA LEU D 24 14.49 -8.59 -9.56
C LEU D 24 13.47 -9.57 -10.11
N SER D 25 13.75 -10.86 -10.11
CA SER D 25 12.75 -11.79 -10.64
C SER D 25 11.57 -12.00 -9.67
N ASN D 26 11.70 -11.45 -8.45
CA ASN D 26 10.65 -11.57 -7.42
C ASN D 26 11.05 -10.68 -6.23
N PRO D 27 10.93 -9.37 -6.40
CA PRO D 27 11.30 -8.47 -5.31
C PRO D 27 10.24 -8.30 -4.21
N TYR D 28 10.05 -9.36 -3.45
CA TYR D 28 9.09 -9.40 -2.37
C TYR D 28 9.71 -9.79 -1.02
N PRO D 29 10.41 -8.84 -0.38
CA PRO D 29 11.02 -9.19 0.91
C PRO D 29 10.03 -9.70 1.94
N SER D 30 10.44 -10.71 2.69
CA SER D 30 9.61 -11.29 3.74
C SER D 30 9.57 -10.26 4.87
N GLU D 31 8.69 -10.45 5.84
CA GLU D 31 8.60 -9.50 6.93
C GLU D 31 9.96 -9.38 7.63
N GLU D 32 10.63 -10.50 7.88
CA GLU D 32 11.93 -10.46 8.54
C GLU D 32 12.94 -9.69 7.71
N ALA D 33 12.89 -9.85 6.39
CA ALA D 33 13.78 -9.13 5.49
C ALA D 33 13.43 -7.62 5.46
N LYS D 34 12.16 -7.27 5.66
CA LYS D 34 11.79 -5.87 5.65
C LYS D 34 12.32 -5.23 6.96
N GLU D 35 12.29 -5.99 8.05
CA GLU D 35 12.78 -5.43 9.31
C GLU D 35 14.28 -5.09 9.25
N GLU D 36 15.06 -5.98 8.64
CA GLU D 36 16.50 -5.76 8.51
C GLU D 36 16.83 -4.60 7.57
N LEU D 37 16.07 -4.47 6.48
CA LEU D 37 16.32 -3.35 5.58
C LEU D 37 15.92 -2.09 6.34
N ALA D 38 14.80 -2.14 7.05
CA ALA D 38 14.34 -1.00 7.80
C ALA D 38 15.45 -0.56 8.75
N LYS D 39 16.15 -1.54 9.33
CA LYS D 39 17.22 -1.22 10.25
C LYS D 39 18.41 -0.56 9.56
N LYS D 40 18.89 -1.17 8.49
CA LYS D 40 20.01 -0.61 7.77
C LYS D 40 19.72 0.78 7.22
N CYS D 41 18.47 1.04 6.88
CA CYS D 41 18.11 2.34 6.30
C CYS D 41 17.71 3.41 7.26
N GLY D 42 17.38 3.01 8.48
CA GLY D 42 16.93 3.98 9.48
C GLY D 42 15.49 4.40 9.25
N ILE D 43 14.70 3.56 8.60
CA ILE D 43 13.29 3.88 8.34
C ILE D 43 12.41 2.81 8.95
N THR D 44 11.10 2.90 8.77
CA THR D 44 10.22 1.90 9.36
C THR D 44 9.85 0.78 8.38
N VAL D 45 9.30 -0.31 8.88
CA VAL D 45 8.91 -1.41 8.00
C VAL D 45 7.77 -0.96 7.07
N SER D 46 6.87 -0.13 7.55
CA SER D 46 5.80 0.39 6.67
C SER D 46 6.44 1.15 5.52
N GLN D 47 7.50 1.89 5.83
CA GLN D 47 8.19 2.64 4.80
C GLN D 47 8.91 1.72 3.80
N VAL D 48 9.44 0.61 4.29
CA VAL D 48 10.05 -0.32 3.35
C VAL D 48 8.93 -0.91 2.47
N SER D 49 7.78 -1.23 3.06
CA SER D 49 6.68 -1.81 2.26
C SER D 49 6.22 -0.82 1.20
N ASN D 50 6.12 0.46 1.58
CA ASN D 50 5.70 1.51 0.63
C ASN D 50 6.74 1.66 -0.48
N TRP D 51 8.04 1.66 -0.12
CA TRP D 51 9.08 1.79 -1.12
C TRP D 51 9.03 0.66 -2.17
N PHE D 52 8.88 -0.59 -1.72
CA PHE D 52 8.80 -1.69 -2.65
C PHE D 52 7.54 -1.66 -3.53
N GLY D 53 6.40 -1.31 -2.94
CA GLY D 53 5.16 -1.20 -3.71
C GLY D 53 5.42 -0.15 -4.78
N ASN D 54 5.87 1.05 -4.36
CA ASN D 54 6.16 2.13 -5.30
C ASN D 54 7.17 1.75 -6.35
N LYS D 55 8.25 1.09 -5.94
CA LYS D 55 9.27 0.69 -6.89
C LYS D 55 8.78 -0.33 -7.93
N ARG D 56 8.10 -1.39 -7.50
CA ARG D 56 7.64 -2.38 -8.48
C ARG D 56 6.71 -1.79 -9.56
N ILE D 57 5.72 -1.00 -9.16
CA ILE D 57 4.78 -0.45 -10.15
C ILE D 57 5.46 0.57 -11.06
N ARG D 58 6.26 1.47 -10.51
CA ARG D 58 6.93 2.45 -11.36
C ARG D 58 7.95 1.81 -12.28
N TYR D 59 8.64 0.78 -11.79
CA TYR D 59 9.60 0.08 -12.63
C TYR D 59 8.83 -0.69 -13.72
N LYS D 60 7.78 -1.37 -13.31
CA LYS D 60 6.98 -2.15 -14.25
C LYS D 60 6.38 -1.23 -15.32
N LYS D 61 6.00 -0.03 -14.91
CA LYS D 61 5.40 0.94 -15.82
C LYS D 61 6.40 1.58 -16.78
N ASN D 62 7.68 1.56 -16.42
CA ASN D 62 8.68 2.18 -17.28
C ASN D 62 10.05 1.49 -17.24
N ILE D 63 10.12 0.27 -17.77
CA ILE D 63 11.38 -0.50 -17.77
C ILE D 63 12.56 0.29 -18.33
N GLY D 64 12.33 0.96 -19.44
CA GLY D 64 13.37 1.76 -20.07
C GLY D 64 13.95 2.83 -19.17
N LYS D 65 13.08 3.62 -18.53
CA LYS D 65 13.54 4.68 -17.64
C LYS D 65 14.47 4.18 -16.52
N PHE D 66 14.22 2.95 -16.04
CA PHE D 66 15.04 2.41 -14.97
C PHE D 66 16.21 1.55 -15.42
N GLN D 67 16.48 1.55 -16.72
CA GLN D 67 17.60 0.78 -17.23
C GLN D 67 18.83 1.60 -16.92
N GLU D 68 20.00 0.97 -16.95
CA GLU D 68 21.20 1.73 -16.63
C GLU D 68 21.33 1.71 -15.13
N GLU D 69 20.21 1.94 -14.44
CA GLU D 69 20.19 1.90 -12.97
C GLU D 69 20.18 0.42 -12.63
N ALA D 70 19.61 -0.36 -13.53
CA ALA D 70 19.54 -1.80 -13.36
C ALA D 70 20.95 -2.37 -13.52
N ASN D 71 21.73 -1.73 -14.37
CA ASN D 71 23.09 -2.19 -14.60
C ASN D 71 24.09 -1.80 -13.52
N ILE D 72 24.14 -0.52 -13.15
CA ILE D 72 25.07 -0.10 -12.11
C ILE D 72 24.84 -0.95 -10.85
N TYR D 73 23.61 -1.44 -10.70
CA TYR D 73 23.26 -2.29 -9.57
C TYR D 73 23.31 -3.77 -9.97
#